data_4IWT
#
_entry.id   4IWT
#
_cell.length_a   40.581
_cell.length_b   113.361
_cell.length_c   40.641
_cell.angle_alpha   90.00
_cell.angle_beta   94.91
_cell.angle_gamma   90.00
#
_symmetry.space_group_name_H-M   'P 1 21 1'
#
loop_
_entity.id
_entity.type
_entity.pdbx_description
1 polymer 'Lytic amidase'
2 non-polymer 'CHOLINE ION'
3 water water
#
_entity_poly.entity_id   1
_entity_poly.type   'polypeptide(L)'
_entity_poly.pdbx_seq_one_letter_code
;SAATGWQKNGTGYWYVHSDGSYPKDKFEKINGTWYYFDGSGYMLSDRWKKHTDGNWYYFDQSGEMATGWKKIADKWYYFD
VEGAMKTGWVKYKDTWYYLDAKEGAMVSNAFIQSADGTGWYYLKPDGTLADKPEFTVEPDGLITVK
;
_entity_poly.pdbx_strand_id   A,B
#
loop_
_chem_comp.id
_chem_comp.type
_chem_comp.name
_chem_comp.formula
CHT non-polymer 'CHOLINE ION' 'C5 H14 N O 1'
#
# COMPACT_ATOMS: atom_id res chain seq x y z
N SER A 1 17.91 -2.52 18.80
CA SER A 1 16.44 -2.36 19.05
C SER A 1 16.09 -1.60 20.35
N ALA A 2 17.07 -0.90 20.93
CA ALA A 2 16.83 -0.03 22.09
C ALA A 2 17.57 1.32 22.03
N ALA A 3 18.88 1.28 21.84
CA ALA A 3 19.69 2.49 21.59
C ALA A 3 20.27 2.38 20.17
N THR A 4 19.61 1.53 19.37
CA THR A 4 20.13 0.97 18.13
C THR A 4 19.01 0.57 17.14
N GLY A 5 18.48 1.54 16.42
CA GLY A 5 17.39 1.28 15.51
C GLY A 5 16.53 2.52 15.49
N TRP A 6 15.24 2.35 15.20
CA TRP A 6 14.34 3.48 15.12
C TRP A 6 14.37 4.33 16.35
N GLN A 7 14.71 5.60 16.19
CA GLN A 7 14.74 6.60 17.29
C GLN A 7 13.77 7.73 16.98
N LYS A 8 13.35 8.45 18.02
CA LYS A 8 12.35 9.52 17.95
C LYS A 8 12.66 10.61 18.96
N ASN A 9 13.25 11.70 18.47
CA ASN A 9 13.42 12.93 19.25
C ASN A 9 12.49 14.03 18.77
N GLY A 10 11.19 13.76 18.95
CA GLY A 10 10.14 14.76 18.80
C GLY A 10 9.81 15.14 17.37
N THR A 11 10.73 15.88 16.74
CA THR A 11 10.68 16.37 15.35
C THR A 11 10.48 15.35 14.22
N GLY A 12 11.07 14.16 14.36
CA GLY A 12 10.92 13.13 13.34
C GLY A 12 11.70 11.90 13.74
N TYR A 13 11.85 10.98 12.79
CA TYR A 13 12.49 9.72 13.08
C TYR A 13 13.84 9.72 12.49
N TRP A 14 14.81 9.17 13.23
CA TRP A 14 16.11 8.82 12.69
C TRP A 14 16.44 7.37 13.07
N TYR A 15 17.47 6.80 12.46
CA TYR A 15 17.76 5.39 12.61
C TYR A 15 19.24 5.11 12.84
N VAL A 16 19.53 4.28 13.85
CA VAL A 16 20.90 4.05 14.32
C VAL A 16 21.45 2.64 14.05
N HIS A 17 22.62 2.60 13.41
CA HIS A 17 23.31 1.36 13.08
C HIS A 17 24.24 0.95 14.25
N SER A 18 24.67 -0.32 14.26
CA SER A 18 25.55 -0.85 15.34
C SER A 18 26.62 0.20 15.24
N ASP A 19 27.30 0.23 14.12
CA ASP A 19 27.84 1.48 13.72
C ASP A 19 28.39 1.66 12.35
N GLY A 20 27.50 1.82 11.41
CA GLY A 20 27.51 2.90 10.46
C GLY A 20 26.90 3.80 11.49
N SER A 21 26.18 4.84 11.17
CA SER A 21 25.55 5.38 12.34
C SER A 21 24.15 5.83 12.08
N TYR A 22 23.97 6.96 11.45
CA TYR A 22 22.59 7.26 11.10
C TYR A 22 22.62 7.81 9.71
N PRO A 23 21.78 7.27 8.85
CA PRO A 23 21.80 7.76 7.49
C PRO A 23 21.32 9.21 7.44
N LYS A 24 21.95 9.99 6.57
CA LYS A 24 21.40 11.29 6.15
C LYS A 24 21.52 11.54 4.63
N ASP A 25 20.58 12.32 4.09
CA ASP A 25 20.55 12.61 2.66
C ASP A 25 20.77 11.37 1.78
N LYS A 26 20.13 10.27 2.15
CA LYS A 26 20.21 9.07 1.36
C LYS A 26 18.99 8.16 1.54
N PHE A 27 18.90 7.17 0.67
CA PHE A 27 17.94 6.09 0.84
C PHE A 27 18.46 5.07 1.80
N GLU A 28 17.55 4.43 2.51
CA GLU A 28 17.91 3.19 3.19
C GLU A 28 16.87 2.14 3.23
N LYS A 29 17.31 0.90 3.02
CA LYS A 29 16.48 -0.28 3.21
C LYS A 29 16.56 -0.75 4.67
N ILE A 30 15.38 -0.91 5.28
CA ILE A 30 15.27 -1.31 6.69
C ILE A 30 14.16 -2.34 6.84
N ASN A 31 14.55 -3.54 7.28
CA ASN A 31 13.63 -4.68 7.36
C ASN A 31 12.78 -4.72 6.10
N GLY A 32 13.45 -4.71 4.96
CA GLY A 32 12.81 -4.95 3.67
C GLY A 32 12.21 -3.77 2.96
N THR A 33 12.24 -2.60 3.59
CA THR A 33 11.46 -1.45 3.14
C THR A 33 12.40 -0.30 2.93
N TRP A 34 12.23 0.47 1.83
CA TRP A 34 13.07 1.65 1.56
C TRP A 34 12.55 2.94 2.15
N TYR A 35 13.43 3.68 2.79
CA TYR A 35 13.10 5.02 3.30
C TYR A 35 14.10 6.03 2.77
N TYR A 36 13.82 7.31 2.98
CA TYR A 36 14.78 8.34 2.69
C TYR A 36 14.85 9.26 3.89
N PHE A 37 16.09 9.67 4.19
CA PHE A 37 16.41 10.50 5.35
C PHE A 37 16.94 11.81 4.82
N ASP A 38 16.44 12.93 5.35
CA ASP A 38 16.88 14.24 4.89
C ASP A 38 18.35 14.56 5.32
N GLY A 39 18.84 15.74 4.94
CA GLY A 39 20.21 16.18 5.23
C GLY A 39 20.58 16.14 6.70
N SER A 40 19.56 16.08 7.56
CA SER A 40 19.70 16.15 9.00
C SER A 40 19.25 14.87 9.75
N GLY A 41 19.21 13.75 9.06
CA GLY A 41 18.96 12.50 9.75
C GLY A 41 17.51 12.07 9.83
N TYR A 42 16.62 12.92 9.37
CA TYR A 42 15.20 12.69 9.60
C TYR A 42 14.42 12.08 8.46
N MET A 43 13.69 11.03 8.79
CA MET A 43 12.96 10.27 7.81
C MET A 43 11.88 11.14 7.19
N LEU A 44 11.75 11.06 5.87
CA LEU A 44 10.70 11.76 5.17
C LEU A 44 9.40 10.97 5.29
N SER A 45 8.33 11.69 5.62
CA SER A 45 7.05 11.07 5.65
C SER A 45 6.10 11.97 4.96
N ASP A 46 5.24 11.35 4.15
CA ASP A 46 4.21 12.04 3.40
C ASP A 46 4.81 13.17 2.61
N ARG A 47 5.60 12.85 1.59
CA ARG A 47 6.48 13.83 0.96
C ARG A 47 6.99 13.36 -0.42
N TRP A 48 7.02 14.30 -1.36
CA TRP A 48 7.68 14.09 -2.63
C TRP A 48 9.17 14.40 -2.58
N LYS A 49 9.96 13.54 -3.21
CA LYS A 49 11.40 13.75 -3.27
C LYS A 49 11.80 13.63 -4.73
N LYS A 50 12.58 14.59 -5.21
CA LYS A 50 13.10 14.48 -6.58
C LYS A 50 14.56 14.06 -6.44
N HIS A 51 14.84 12.83 -6.85
CA HIS A 51 16.13 12.26 -6.55
C HIS A 51 17.21 12.63 -7.55
N THR A 52 18.38 12.15 -7.23
CA THR A 52 19.58 12.44 -7.89
C THR A 52 19.63 11.67 -9.20
N ASP A 53 18.69 10.75 -9.39
CA ASP A 53 18.60 10.00 -10.65
C ASP A 53 17.54 10.60 -11.54
N GLY A 54 17.09 11.81 -11.22
CA GLY A 54 16.10 12.51 -12.03
C GLY A 54 14.70 11.98 -11.88
N ASN A 55 14.49 11.09 -10.91
CA ASN A 55 13.19 10.54 -10.63
C ASN A 55 12.51 11.17 -9.45
N TRP A 56 11.19 11.04 -9.46
CA TRP A 56 10.34 11.49 -8.37
C TRP A 56 9.98 10.30 -7.54
N TYR A 57 10.02 10.53 -6.22
CA TYR A 57 9.72 9.49 -5.23
C TYR A 57 8.71 10.00 -4.26
N TYR A 58 7.79 9.13 -3.83
CA TYR A 58 6.88 9.53 -2.76
C TYR A 58 7.03 8.64 -1.53
N PHE A 59 6.93 9.25 -0.35
CA PHE A 59 7.02 8.55 0.92
C PHE A 59 5.79 8.80 1.77
N ASP A 60 5.06 7.73 2.14
CA ASP A 60 3.77 7.90 2.88
C ASP A 60 4.00 8.42 4.29
N GLN A 61 2.91 8.66 5.03
CA GLN A 61 3.08 9.20 6.37
C GLN A 61 3.99 8.29 7.16
N SER A 62 3.91 6.99 6.90
CA SER A 62 4.76 6.02 7.57
C SER A 62 6.27 6.08 7.16
N GLY A 63 6.57 6.68 6.02
CA GLY A 63 7.93 6.74 5.51
C GLY A 63 8.23 5.76 4.40
N GLU A 64 7.35 4.80 4.14
CA GLU A 64 7.58 3.79 3.12
C GLU A 64 7.55 4.30 1.66
N MET A 65 8.68 4.10 0.97
CA MET A 65 8.77 4.41 -0.47
C MET A 65 7.59 3.84 -1.26
N ALA A 66 6.88 4.68 -1.99
CA ALA A 66 5.72 4.22 -2.76
C ALA A 66 6.10 3.35 -3.95
N THR A 67 5.30 2.31 -4.16
CA THR A 67 5.50 1.30 -5.15
C THR A 67 4.10 0.96 -5.66
N GLY A 68 3.99 0.80 -6.97
CA GLY A 68 2.72 0.54 -7.64
C GLY A 68 1.84 1.76 -7.70
N TRP A 69 0.55 1.52 -7.91
CA TRP A 69 -0.44 2.57 -7.92
C TRP A 69 -0.61 3.15 -6.52
N LYS A 70 -0.78 4.46 -6.41
CA LYS A 70 -0.91 5.14 -5.11
C LYS A 70 -1.70 6.41 -5.33
N LYS A 71 -2.83 6.55 -4.62
CA LYS A 71 -3.62 7.79 -4.69
C LYS A 71 -3.13 8.81 -3.67
N ILE A 72 -2.77 9.98 -4.18
CA ILE A 72 -2.08 10.97 -3.42
C ILE A 72 -2.72 12.30 -3.74
N ALA A 73 -3.37 12.86 -2.72
CA ALA A 73 -4.01 14.15 -2.83
C ALA A 73 -5.07 14.03 -3.89
N ASP A 74 -5.71 12.87 -3.93
CA ASP A 74 -6.84 12.63 -4.84
C ASP A 74 -6.47 12.53 -6.33
N LYS A 75 -5.25 12.07 -6.62
CA LYS A 75 -4.83 11.81 -7.99
C LYS A 75 -3.99 10.54 -8.02
N TRP A 76 -4.15 9.74 -9.09
CA TRP A 76 -3.40 8.50 -9.22
C TRP A 76 -2.01 8.70 -9.79
N TYR A 77 -1.08 7.88 -9.30
CA TYR A 77 0.28 7.79 -9.79
C TYR A 77 0.68 6.33 -9.79
N TYR A 78 1.41 5.93 -10.82
CA TYR A 78 2.03 4.64 -10.82
C TYR A 78 3.54 4.82 -10.61
N PHE A 79 4.07 4.06 -9.64
CA PHE A 79 5.51 4.02 -9.39
C PHE A 79 6.06 2.67 -9.79
N ASP A 80 7.13 2.68 -10.57
CA ASP A 80 7.72 1.41 -10.91
C ASP A 80 8.15 0.62 -9.65
N VAL A 81 8.51 -0.63 -9.88
CA VAL A 81 8.90 -1.53 -8.79
C VAL A 81 10.07 -1.03 -7.91
N GLU A 82 10.84 -0.06 -8.41
CA GLU A 82 11.97 0.53 -7.68
C GLU A 82 11.60 1.95 -7.20
N GLY A 83 10.30 2.26 -7.29
CA GLY A 83 9.74 3.41 -6.63
C GLY A 83 9.76 4.67 -7.46
N ALA A 84 10.38 4.62 -8.63
CA ALA A 84 10.41 5.78 -9.50
C ALA A 84 9.05 6.03 -10.09
N MET A 85 8.57 7.26 -9.92
CA MET A 85 7.34 7.67 -10.53
C MET A 85 7.49 7.50 -12.03
N LYS A 86 6.47 6.92 -12.65
CA LYS A 86 6.51 6.73 -14.08
C LYS A 86 5.68 7.79 -14.78
N THR A 87 6.02 8.09 -16.03
CA THR A 87 5.19 8.92 -16.90
C THR A 87 4.87 8.18 -18.22
N GLY A 88 3.89 8.67 -18.98
CA GLY A 88 3.52 8.01 -20.21
C GLY A 88 2.68 6.78 -19.98
N TRP A 89 2.73 5.85 -20.93
CA TRP A 89 1.90 4.65 -20.93
C TRP A 89 2.40 3.61 -19.92
N VAL A 90 1.46 2.94 -19.22
CA VAL A 90 1.76 1.75 -18.40
C VAL A 90 0.70 0.66 -18.60
N LYS A 91 1.16 -0.57 -18.53
CA LYS A 91 0.29 -1.73 -18.62
C LYS A 91 -0.23 -2.12 -17.24
N TYR A 92 -1.53 -2.09 -17.05
CA TYR A 92 -2.06 -2.60 -15.80
C TYR A 92 -3.14 -3.60 -16.11
N LYS A 93 -2.87 -4.87 -15.78
CA LYS A 93 -3.82 -5.95 -16.01
C LYS A 93 -4.18 -6.08 -17.49
N ASP A 94 -5.47 -5.96 -17.81
CA ASP A 94 -5.95 -6.14 -19.17
C ASP A 94 -5.88 -4.86 -19.98
N THR A 95 -5.56 -3.74 -19.34
CA THR A 95 -5.67 -2.46 -20.02
C THR A 95 -4.45 -1.54 -19.88
N TRP A 96 -4.58 -0.36 -20.46
CA TRP A 96 -3.52 0.64 -20.50
C TRP A 96 -3.97 1.91 -19.82
N TYR A 97 -3.01 2.60 -19.19
CA TYR A 97 -3.28 3.88 -18.57
C TYR A 97 -2.26 4.86 -19.06
N TYR A 98 -2.58 6.15 -18.96
CA TYR A 98 -1.61 7.19 -19.30
C TYR A 98 -1.38 8.25 -18.19
N LEU A 99 -0.11 8.46 -17.85
CA LEU A 99 0.26 9.37 -16.74
C LEU A 99 0.89 10.58 -17.36
N ASP A 100 0.40 11.75 -17.01
CA ASP A 100 0.94 13.00 -17.53
C ASP A 100 2.47 12.95 -17.59
N ALA A 101 3.08 13.63 -18.56
CA ALA A 101 4.51 13.52 -18.69
C ALA A 101 5.09 14.64 -17.87
N LYS A 102 4.23 15.55 -17.47
CA LYS A 102 4.70 16.73 -16.78
C LYS A 102 4.54 16.53 -15.26
N GLU A 103 3.29 16.33 -14.81
CA GLU A 103 3.00 16.16 -13.41
C GLU A 103 2.93 14.69 -12.98
N GLY A 104 2.65 13.78 -13.92
CA GLY A 104 2.76 12.34 -13.65
C GLY A 104 1.50 11.70 -13.14
N ALA A 105 0.49 12.51 -12.92
CA ALA A 105 -0.83 12.02 -12.52
C ALA A 105 -1.53 11.37 -13.70
N MET A 106 -2.27 10.31 -13.41
CA MET A 106 -3.11 9.64 -14.39
C MET A 106 -4.02 10.64 -15.14
N VAL A 107 -4.14 10.45 -16.45
CA VAL A 107 -4.96 11.30 -17.30
C VAL A 107 -6.24 10.54 -17.56
N SER A 108 -7.37 11.25 -17.62
CA SER A 108 -8.69 10.62 -17.85
C SER A 108 -9.53 11.54 -18.66
N ASN A 109 -10.46 10.97 -19.41
CA ASN A 109 -11.28 11.73 -20.33
C ASN A 109 -10.49 12.71 -21.19
N ALA A 110 -9.61 12.16 -22.02
CA ALA A 110 -8.71 12.97 -22.84
C ALA A 110 -8.28 12.22 -24.08
N PHE A 111 -7.80 13.00 -25.04
CA PHE A 111 -7.13 12.51 -26.23
C PHE A 111 -5.64 12.59 -26.08
N ILE A 112 -4.95 11.49 -26.32
CA ILE A 112 -3.52 11.56 -26.17
C ILE A 112 -2.90 11.33 -27.54
N GLN A 113 -2.06 12.26 -27.96
CA GLN A 113 -1.44 12.13 -29.27
C GLN A 113 -0.51 10.91 -29.33
N SER A 114 -0.52 10.18 -30.45
CA SER A 114 0.33 9.00 -30.60
C SER A 114 1.80 9.42 -30.74
N ALA A 115 2.73 8.51 -30.49
CA ALA A 115 4.17 8.88 -30.42
C ALA A 115 4.64 9.55 -31.69
N ASP A 116 4.25 8.98 -32.84
CA ASP A 116 4.63 9.51 -34.15
C ASP A 116 3.82 10.73 -34.59
N GLY A 117 3.09 11.35 -33.65
CA GLY A 117 2.30 12.56 -33.88
C GLY A 117 1.14 12.43 -34.90
N THR A 118 0.75 11.21 -35.23
CA THR A 118 -0.11 10.92 -36.37
C THR A 118 -1.56 10.58 -36.00
N GLY A 119 -1.77 10.25 -34.73
CA GLY A 119 -3.03 9.70 -34.32
C GLY A 119 -3.26 9.92 -32.85
N TRP A 120 -4.35 9.34 -32.37
CA TRP A 120 -4.78 9.64 -31.03
C TRP A 120 -5.21 8.40 -30.30
N TYR A 121 -5.07 8.45 -28.97
CA TYR A 121 -5.66 7.49 -28.05
C TYR A 121 -6.59 8.26 -27.10
N TYR A 122 -7.80 7.74 -26.91
CA TYR A 122 -8.77 8.25 -25.96
C TYR A 122 -8.73 7.45 -24.65
N LEU A 123 -8.66 8.17 -23.53
CA LEU A 123 -8.75 7.52 -22.21
C LEU A 123 -10.04 7.98 -21.57
N LYS A 124 -10.77 7.03 -21.01
CA LYS A 124 -12.11 7.29 -20.49
C LYS A 124 -12.00 8.07 -19.20
N PRO A 125 -13.16 8.36 -18.59
CA PRO A 125 -13.25 9.00 -17.28
C PRO A 125 -12.49 8.29 -16.17
N ASP A 126 -12.41 6.96 -16.23
CA ASP A 126 -11.72 6.25 -15.14
C ASP A 126 -10.25 6.08 -15.43
N GLY A 127 -9.85 6.48 -16.64
CA GLY A 127 -8.45 6.54 -16.99
C GLY A 127 -8.04 5.44 -17.93
N THR A 128 -8.85 4.40 -18.03
CA THR A 128 -8.50 3.31 -18.94
C THR A 128 -8.47 3.70 -20.44
N LEU A 129 -7.67 2.98 -21.22
CA LEU A 129 -7.69 3.14 -22.68
C LEU A 129 -8.99 2.62 -23.31
N ALA A 130 -9.54 3.37 -24.27
CA ALA A 130 -10.59 2.86 -25.14
C ALA A 130 -9.97 2.06 -26.30
N ASP A 131 -9.98 0.74 -26.17
CA ASP A 131 -9.66 -0.19 -27.27
C ASP A 131 -10.62 0.02 -28.42
N LYS A 132 -11.88 0.36 -28.16
CA LYS A 132 -12.91 0.50 -29.22
C LYS A 132 -13.81 1.74 -29.09
N PRO A 133 -13.25 2.95 -29.25
CA PRO A 133 -14.03 4.17 -28.99
C PRO A 133 -15.03 4.41 -30.10
N GLU A 134 -16.20 5.00 -29.77
CA GLU A 134 -17.25 5.38 -30.75
C GLU A 134 -17.53 6.86 -30.82
N PHE A 135 -17.67 7.36 -32.03
CA PHE A 135 -17.80 8.79 -32.27
C PHE A 135 -19.17 9.12 -32.82
N THR A 136 -19.71 10.27 -32.46
CA THR A 136 -20.85 10.76 -33.22
C THR A 136 -20.55 12.23 -33.47
N VAL A 137 -21.05 12.72 -34.60
CA VAL A 137 -20.82 14.11 -34.95
C VAL A 137 -22.14 14.81 -35.31
N GLU A 138 -22.40 15.91 -34.63
CA GLU A 138 -23.46 16.82 -35.02
C GLU A 138 -23.02 17.88 -36.07
N PRO A 139 -23.99 18.58 -36.69
CA PRO A 139 -23.80 19.56 -37.79
C PRO A 139 -22.79 20.68 -37.53
N ASP A 140 -22.73 21.18 -36.29
CA ASP A 140 -21.72 22.19 -35.93
C ASP A 140 -20.32 21.58 -35.77
N GLY A 141 -20.23 20.26 -35.84
CA GLY A 141 -18.97 19.54 -35.78
C GLY A 141 -18.67 18.99 -34.40
N LEU A 142 -19.60 19.15 -33.47
CA LEU A 142 -19.46 18.63 -32.10
C LEU A 142 -19.38 17.12 -32.04
N ILE A 143 -18.37 16.64 -31.31
CA ILE A 143 -18.01 15.22 -31.27
C ILE A 143 -18.28 14.63 -29.91
N THR A 144 -18.99 13.51 -29.90
CA THR A 144 -19.08 12.73 -28.66
C THR A 144 -18.33 11.44 -28.83
N VAL A 145 -17.71 10.98 -27.74
CA VAL A 145 -16.95 9.77 -27.78
C VAL A 145 -17.38 8.84 -26.63
N LYS A 146 -17.28 7.53 -26.91
CA LYS A 146 -17.76 6.47 -26.04
C LYS A 146 -17.05 5.18 -26.42
N SER B 1 0.08 -11.66 -23.30
CA SER B 1 -0.43 -10.28 -23.07
C SER B 1 -1.62 -9.84 -23.97
N ALA B 2 -2.25 -10.79 -24.66
CA ALA B 2 -3.44 -10.51 -25.47
C ALA B 2 -4.56 -11.54 -25.31
N ALA B 3 -4.24 -12.81 -25.49
CA ALA B 3 -5.17 -13.92 -25.24
C ALA B 3 -4.54 -14.77 -24.14
N THR B 4 -3.62 -14.13 -23.41
CA THR B 4 -2.60 -14.76 -22.58
C THR B 4 -2.14 -13.86 -21.42
N GLY B 5 -2.99 -13.73 -20.41
CA GLY B 5 -2.66 -12.92 -19.26
C GLY B 5 -3.98 -12.44 -18.68
N TRP B 6 -3.95 -11.29 -18.03
CA TRP B 6 -5.15 -10.77 -17.43
C TRP B 6 -6.30 -10.75 -18.41
N GLN B 7 -7.40 -11.42 -18.07
CA GLN B 7 -8.63 -11.44 -18.88
C GLN B 7 -9.76 -10.91 -18.03
N LYS B 8 -10.79 -10.40 -18.71
CA LYS B 8 -11.96 -9.81 -18.07
C LYS B 8 -13.23 -10.19 -18.84
N ASN B 9 -13.98 -11.15 -18.29
CA ASN B 9 -15.34 -11.44 -18.76
C ASN B 9 -16.31 -10.98 -17.67
N GLY B 10 -16.42 -9.65 -17.57
CA GLY B 10 -17.55 -8.97 -16.93
C GLY B 10 -17.54 -9.05 -15.43
N THR B 11 -17.89 -10.26 -14.94
CA THR B 11 -17.93 -10.65 -13.51
C THR B 11 -16.65 -10.47 -12.65
N GLY B 12 -15.48 -10.67 -13.24
CA GLY B 12 -14.22 -10.52 -12.50
C GLY B 12 -13.03 -10.83 -13.38
N TYR B 13 -11.86 -10.91 -12.76
CA TYR B 13 -10.64 -11.16 -13.53
C TYR B 13 -10.23 -12.57 -13.38
N TRP B 14 -9.80 -13.16 -14.50
CA TRP B 14 -9.06 -14.41 -14.46
C TRP B 14 -7.74 -14.25 -15.24
N TYR B 15 -6.84 -15.23 -15.14
CA TYR B 15 -5.50 -15.09 -15.69
C TYR B 15 -5.02 -16.34 -16.44
N VAL B 16 -4.51 -16.15 -17.67
CA VAL B 16 -4.18 -17.27 -18.57
C VAL B 16 -2.66 -17.45 -18.78
N HIS B 17 -2.18 -18.67 -18.53
CA HIS B 17 -0.79 -19.05 -18.75
C HIS B 17 -0.60 -19.52 -20.19
N SER B 18 0.65 -19.59 -20.67
CA SER B 18 0.95 -20.04 -22.06
C SER B 18 0.26 -21.37 -22.07
N ASP B 19 0.75 -22.27 -21.21
CA ASP B 19 -0.19 -23.27 -20.73
C ASP B 19 0.06 -24.16 -19.49
N GLY B 20 0.09 -23.54 -18.31
CA GLY B 20 -0.59 -24.13 -17.15
C GLY B 20 -1.98 -23.76 -17.69
N SER B 21 -2.97 -23.35 -16.91
CA SER B 21 -3.95 -22.56 -17.69
C SER B 21 -4.58 -21.35 -17.05
N TYR B 22 -5.47 -21.55 -16.10
CA TYR B 22 -5.91 -20.40 -15.32
C TYR B 22 -6.02 -20.90 -13.94
N PRO B 23 -5.38 -20.20 -13.00
CA PRO B 23 -5.44 -20.67 -11.62
C PRO B 23 -6.87 -20.64 -11.12
N LYS B 24 -7.24 -21.63 -10.31
CA LYS B 24 -8.43 -21.53 -9.47
C LYS B 24 -8.19 -22.09 -8.06
N ASP B 25 -8.94 -21.55 -7.10
CA ASP B 25 -8.78 -21.90 -5.69
C ASP B 25 -7.31 -22.01 -5.25
N LYS B 26 -6.50 -21.01 -5.58
CA LYS B 26 -5.12 -20.96 -5.15
C LYS B 26 -4.54 -19.55 -5.19
N PHE B 27 -3.37 -19.41 -4.58
CA PHE B 27 -2.56 -18.21 -4.70
C PHE B 27 -1.79 -18.19 -5.97
N GLU B 28 -1.56 -17.01 -6.51
CA GLU B 28 -0.55 -16.88 -7.53
C GLU B 28 0.21 -15.60 -7.54
N LYS B 29 1.51 -15.72 -7.78
CA LYS B 29 2.41 -14.60 -7.98
C LYS B 29 2.42 -14.19 -9.46
N ILE B 30 2.15 -12.91 -9.71
CA ILE B 30 2.06 -12.36 -11.07
C ILE B 30 2.77 -11.01 -11.12
N ASN B 31 3.83 -10.95 -11.92
CA ASN B 31 4.72 -9.77 -11.99
C ASN B 31 5.02 -9.25 -10.59
N GLY B 32 5.47 -10.17 -9.73
CA GLY B 32 5.97 -9.83 -8.39
C GLY B 32 4.96 -9.71 -7.26
N THR B 33 3.67 -9.90 -7.58
CA THR B 33 2.59 -9.60 -6.65
C THR B 33 1.77 -10.87 -6.50
N TRP B 34 1.31 -11.16 -5.28
CA TRP B 34 0.44 -12.33 -5.00
C TRP B 34 -1.03 -12.00 -5.05
N TYR B 35 -1.79 -12.86 -5.72
CA TYR B 35 -3.24 -12.78 -5.79
C TYR B 35 -3.83 -14.12 -5.37
N TYR B 36 -5.16 -14.15 -5.21
CA TYR B 36 -5.87 -15.38 -4.97
C TYR B 36 -7.09 -15.40 -5.89
N PHE B 37 -7.35 -16.59 -6.42
CA PHE B 37 -8.40 -16.83 -7.39
C PHE B 37 -9.33 -17.80 -6.77
N ASP B 38 -10.63 -17.53 -6.86
CA ASP B 38 -11.62 -18.42 -6.24
C ASP B 38 -11.77 -19.76 -6.99
N GLY B 39 -12.66 -20.63 -6.51
CA GLY B 39 -12.87 -21.94 -7.09
C GLY B 39 -13.22 -21.90 -8.56
N SER B 40 -13.61 -20.72 -9.05
CA SER B 40 -14.12 -20.55 -10.41
C SER B 40 -13.22 -19.65 -11.27
N GLY B 41 -11.99 -19.43 -10.82
CA GLY B 41 -11.04 -18.76 -11.68
C GLY B 41 -10.96 -17.27 -11.49
N TYR B 42 -11.74 -16.75 -10.56
CA TYR B 42 -11.88 -15.30 -10.47
C TYR B 42 -11.09 -14.70 -9.33
N MET B 43 -10.36 -13.64 -9.65
CA MET B 43 -9.53 -12.93 -8.68
C MET B 43 -10.37 -12.30 -7.56
N LEU B 44 -9.97 -12.55 -6.32
CA LEU B 44 -10.59 -11.88 -5.20
C LEU B 44 -10.12 -10.42 -5.11
N SER B 45 -11.09 -9.52 -4.99
CA SER B 45 -10.77 -8.14 -4.76
C SER B 45 -11.57 -7.64 -3.59
N ASP B 46 -10.89 -6.91 -2.73
CA ASP B 46 -11.50 -6.32 -1.56
C ASP B 46 -12.20 -7.37 -0.73
N ARG B 47 -11.45 -8.33 -0.21
CA ARG B 47 -12.04 -9.49 0.41
C ARG B 47 -11.08 -10.17 1.40
N TRP B 48 -11.67 -10.67 2.50
CA TRP B 48 -10.95 -11.53 3.44
C TRP B 48 -10.98 -12.98 3.05
N LYS B 49 -9.84 -13.65 3.23
CA LYS B 49 -9.76 -15.06 2.89
C LYS B 49 -9.13 -15.75 4.05
N LYS B 50 -9.71 -16.87 4.46
CA LYS B 50 -9.12 -17.66 5.56
C LYS B 50 -8.47 -18.86 4.91
N HIS B 51 -7.14 -18.92 4.99
CA HIS B 51 -6.45 -19.87 4.16
C HIS B 51 -6.34 -21.24 4.82
N THR B 52 -5.73 -22.11 4.05
CA THR B 52 -5.61 -23.46 4.37
C THR B 52 -4.49 -23.61 5.39
N ASP B 53 -3.74 -22.53 5.64
CA ASP B 53 -2.68 -22.56 6.65
C ASP B 53 -3.17 -21.91 7.91
N GLY B 54 -4.50 -21.73 8.01
CA GLY B 54 -5.14 -21.17 9.18
C GLY B 54 -4.87 -19.69 9.37
N ASN B 55 -4.38 -19.04 8.32
CA ASN B 55 -4.20 -17.59 8.33
C ASN B 55 -5.29 -16.82 7.63
N TRP B 56 -5.43 -15.57 8.03
CA TRP B 56 -6.32 -14.65 7.37
C TRP B 56 -5.52 -13.79 6.42
N TYR B 57 -6.08 -13.63 5.22
CA TYR B 57 -5.47 -12.84 4.17
C TYR B 57 -6.46 -11.81 3.68
N TYR B 58 -5.96 -10.61 3.35
CA TYR B 58 -6.79 -9.59 2.71
C TYR B 58 -6.27 -9.21 1.32
N PHE B 59 -7.21 -8.92 0.42
CA PHE B 59 -6.92 -8.56 -0.97
C PHE B 59 -7.64 -7.31 -1.32
N ASP B 60 -6.89 -6.27 -1.71
CA ASP B 60 -7.49 -4.93 -1.94
C ASP B 60 -8.35 -4.91 -3.21
N GLN B 61 -9.00 -3.79 -3.52
CA GLN B 61 -9.91 -3.78 -4.64
C GLN B 61 -9.18 -4.22 -5.88
N SER B 62 -7.91 -3.82 -5.96
CA SER B 62 -7.04 -4.23 -7.05
C SER B 62 -6.73 -5.73 -7.09
N GLY B 63 -6.89 -6.42 -5.96
CA GLY B 63 -6.54 -7.85 -5.84
C GLY B 63 -5.22 -8.18 -5.16
N GLU B 64 -4.40 -7.16 -4.86
CA GLU B 64 -3.11 -7.33 -4.19
C GLU B 64 -3.19 -7.81 -2.72
N MET B 65 -2.51 -8.94 -2.47
CA MET B 65 -2.34 -9.49 -1.13
C MET B 65 -1.78 -8.44 -0.19
N ALA B 66 -2.46 -8.19 0.91
CA ALA B 66 -2.03 -7.16 1.81
C ALA B 66 -0.78 -7.56 2.60
N THR B 67 0.08 -6.58 2.82
CA THR B 67 1.37 -6.71 3.42
C THR B 67 1.59 -5.42 4.23
N GLY B 68 2.09 -5.56 5.45
CA GLY B 68 2.36 -4.42 6.31
C GLY B 68 1.07 -3.97 6.97
N TRP B 69 1.09 -2.74 7.50
CA TRP B 69 -0.09 -2.10 8.05
C TRP B 69 -1.13 -1.78 6.95
N LYS B 70 -2.40 -1.97 7.24
CA LYS B 70 -3.45 -1.72 6.24
C LYS B 70 -4.72 -1.39 6.98
N LYS B 71 -5.28 -0.21 6.71
CA LYS B 71 -6.57 0.19 7.28
C LYS B 71 -7.72 -0.28 6.41
N ILE B 72 -8.62 -1.03 7.04
CA ILE B 72 -9.63 -1.76 6.35
C ILE B 72 -10.91 -1.63 7.15
N ALA B 73 -11.85 -0.88 6.56
CA ALA B 73 -13.16 -0.61 7.15
C ALA B 73 -12.92 0.11 8.47
N ASP B 74 -11.96 1.02 8.43
CA ASP B 74 -11.69 1.91 9.56
C ASP B 74 -11.07 1.26 10.78
N LYS B 75 -10.34 0.16 10.55
CA LYS B 75 -9.54 -0.50 11.59
C LYS B 75 -8.19 -0.93 11.08
N TRP B 76 -7.18 -0.86 11.94
CA TRP B 76 -5.81 -1.26 11.55
C TRP B 76 -5.52 -2.73 11.75
N TYR B 77 -4.73 -3.26 10.82
CA TYR B 77 -4.28 -4.64 10.85
C TYR B 77 -2.87 -4.61 10.35
N TYR B 78 -2.01 -5.40 10.99
CA TYR B 78 -0.69 -5.67 10.49
C TYR B 78 -0.62 -7.06 9.91
N PHE B 79 -0.13 -7.14 8.66
CA PHE B 79 0.10 -8.41 7.96
C PHE B 79 1.58 -8.67 7.86
N ASP B 80 1.99 -9.87 8.21
CA ASP B 80 3.40 -10.21 8.06
C ASP B 80 3.85 -10.09 6.59
N VAL B 81 5.16 -10.16 6.42
CA VAL B 81 5.76 -10.02 5.10
C VAL B 81 5.27 -11.02 4.03
N GLU B 82 4.68 -12.14 4.48
CA GLU B 82 4.10 -13.16 3.61
C GLU B 82 2.54 -13.07 3.59
N GLY B 83 2.01 -11.95 4.08
CA GLY B 83 0.61 -11.64 3.94
C GLY B 83 -0.31 -12.18 5.01
N ALA B 84 0.20 -13.02 5.91
CA ALA B 84 -0.63 -13.57 6.99
C ALA B 84 -0.91 -12.48 8.01
N MET B 85 -2.18 -12.29 8.29
CA MET B 85 -2.61 -11.35 9.31
C MET B 85 -2.04 -11.83 10.62
N LYS B 86 -1.49 -10.88 11.37
CA LYS B 86 -0.88 -11.18 12.65
C LYS B 86 -1.79 -10.83 13.81
N THR B 87 -1.61 -11.51 14.94
CA THR B 87 -2.30 -11.17 16.18
C THR B 87 -1.26 -11.01 17.31
N GLY B 88 -1.67 -10.42 18.43
CA GLY B 88 -0.73 -10.22 19.51
C GLY B 88 0.18 -9.03 19.29
N TRP B 89 1.35 -9.08 19.90
CA TRP B 89 2.30 -7.96 19.89
C TRP B 89 3.02 -7.89 18.55
N VAL B 90 3.26 -6.67 18.06
CA VAL B 90 4.16 -6.40 16.92
C VAL B 90 5.05 -5.19 17.16
N LYS B 91 6.25 -5.25 16.63
CA LYS B 91 7.21 -4.18 16.73
C LYS B 91 7.07 -3.26 15.53
N TYR B 92 6.74 -2.01 15.74
CA TYR B 92 6.73 -1.10 14.62
C TYR B 92 7.55 0.14 14.98
N LYS B 93 8.68 0.30 14.30
CA LYS B 93 9.60 1.39 14.57
C LYS B 93 10.09 1.42 16.01
N ASP B 94 9.85 2.53 16.71
CA ASP B 94 10.36 2.68 18.06
C ASP B 94 9.41 2.12 19.12
N THR B 95 8.26 1.64 18.69
CA THR B 95 7.25 1.24 19.66
C THR B 95 6.55 -0.10 19.38
N TRP B 96 5.67 -0.47 20.31
CA TRP B 96 4.89 -1.70 20.21
C TRP B 96 3.42 -1.44 20.00
N TYR B 97 2.77 -2.38 19.29
CA TYR B 97 1.34 -2.35 19.09
C TYR B 97 0.73 -3.68 19.44
N TYR B 98 -0.56 -3.67 19.78
CA TYR B 98 -1.22 -4.93 20.04
C TYR B 98 -2.47 -5.14 19.16
N LEU B 99 -2.55 -6.31 18.54
CA LEU B 99 -3.63 -6.68 17.65
C LEU B 99 -4.46 -7.76 18.30
N ASP B 100 -5.78 -7.55 18.35
CA ASP B 100 -6.70 -8.45 19.00
C ASP B 100 -6.37 -9.88 18.59
N ALA B 101 -6.60 -10.84 19.48
CA ALA B 101 -6.20 -12.19 19.14
C ALA B 101 -7.38 -12.83 18.48
N LYS B 102 -8.51 -12.17 18.56
CA LYS B 102 -9.74 -12.73 18.06
C LYS B 102 -10.03 -12.18 16.66
N GLU B 103 -10.19 -10.85 16.54
CA GLU B 103 -10.53 -10.22 15.28
C GLU B 103 -9.30 -9.64 14.57
N GLY B 104 -8.21 -9.39 15.31
CA GLY B 104 -6.94 -9.04 14.68
C GLY B 104 -6.73 -7.57 14.48
N ALA B 105 -7.77 -6.79 14.73
CA ALA B 105 -7.65 -5.35 14.62
C ALA B 105 -6.80 -4.82 15.77
N MET B 106 -6.11 -3.72 15.50
CA MET B 106 -5.33 -3.01 16.52
C MET B 106 -6.20 -2.66 17.73
N VAL B 107 -5.64 -2.78 18.92
CA VAL B 107 -6.32 -2.42 20.16
C VAL B 107 -5.75 -1.08 20.63
N SER B 108 -6.64 -0.18 21.09
CA SER B 108 -6.20 1.12 21.61
C SER B 108 -6.96 1.46 22.86
N ASN B 109 -6.35 2.25 23.73
CA ASN B 109 -6.96 2.66 24.99
C ASN B 109 -7.49 1.47 25.77
N ALA B 110 -6.57 0.61 26.17
CA ALA B 110 -6.94 -0.63 26.83
C ALA B 110 -5.79 -1.13 27.64
N PHE B 111 -6.12 -2.01 28.58
CA PHE B 111 -5.19 -2.82 29.34
C PHE B 111 -5.05 -4.20 28.75
N ILE B 112 -3.82 -4.61 28.52
CA ILE B 112 -3.63 -5.93 27.97
C ILE B 112 -2.89 -6.76 28.99
N GLN B 113 -3.43 -7.92 29.31
CA GLN B 113 -2.82 -8.75 30.34
C GLN B 113 -1.52 -9.33 29.82
N SER B 114 -0.48 -9.37 30.68
CA SER B 114 0.81 -9.88 30.24
C SER B 114 0.72 -11.40 30.06
N ALA B 115 1.68 -12.00 29.36
CA ALA B 115 1.62 -13.41 28.98
C ALA B 115 1.44 -14.30 30.21
N ASP B 116 2.22 -14.02 31.25
CA ASP B 116 2.22 -14.83 32.46
C ASP B 116 1.06 -14.52 33.37
N GLY B 117 0.03 -13.85 32.82
CA GLY B 117 -1.17 -13.41 33.57
C GLY B 117 -0.99 -12.55 34.83
N THR B 118 0.17 -11.93 34.99
CA THR B 118 0.59 -11.32 36.24
C THR B 118 0.50 -9.79 36.24
N GLY B 119 0.54 -9.22 35.05
CA GLY B 119 0.70 -7.80 34.95
C GLY B 119 -0.01 -7.32 33.73
N TRP B 120 0.20 -6.05 33.40
CA TRP B 120 -0.59 -5.41 32.36
C TRP B 120 0.24 -4.48 31.55
N TYR B 121 -0.19 -4.33 30.28
CA TYR B 121 0.32 -3.28 29.40
C TYR B 121 -0.83 -2.40 28.98
N TYR B 122 -0.59 -1.09 28.97
CA TYR B 122 -1.55 -0.09 28.52
C TYR B 122 -1.21 0.40 27.10
N LEU B 123 -2.19 0.42 26.21
CA LEU B 123 -2.01 0.99 24.88
C LEU B 123 -2.87 2.21 24.79
N LYS B 124 -2.31 3.29 24.25
CA LYS B 124 -2.94 4.60 24.27
C LYS B 124 -4.04 4.59 23.25
N PRO B 125 -4.70 5.75 23.07
CA PRO B 125 -5.73 5.97 22.04
C PRO B 125 -5.24 5.70 20.62
N ASP B 126 -3.98 6.00 20.34
CA ASP B 126 -3.51 5.80 18.98
C ASP B 126 -2.98 4.40 18.79
N GLY B 127 -2.93 3.63 19.88
CA GLY B 127 -2.61 2.23 19.79
C GLY B 127 -1.22 1.91 20.27
N THR B 128 -0.38 2.91 20.42
CA THR B 128 0.99 2.66 20.89
C THR B 128 1.06 2.17 22.35
N LEU B 129 2.09 1.37 22.64
CA LEU B 129 2.38 0.98 24.03
C LEU B 129 2.81 2.18 24.86
N ALA B 130 2.36 2.26 26.11
CA ALA B 130 2.85 3.23 27.07
C ALA B 130 4.06 2.64 27.82
N ASP B 131 5.26 3.04 27.41
CA ASP B 131 6.52 2.67 28.09
C ASP B 131 6.55 3.22 29.50
N LYS B 132 5.92 4.39 29.71
CA LYS B 132 5.88 5.03 31.03
C LYS B 132 4.50 5.59 31.43
N PRO B 133 3.51 4.70 31.64
CA PRO B 133 2.16 5.17 31.98
C PRO B 133 2.10 5.81 33.36
N GLU B 134 1.24 6.82 33.53
CA GLU B 134 0.96 7.46 34.84
C GLU B 134 -0.47 7.33 35.34
N PHE B 135 -0.60 7.04 36.63
CA PHE B 135 -1.89 6.74 37.22
C PHE B 135 -2.24 7.78 38.23
N THR B 136 -3.52 8.10 38.34
CA THR B 136 -3.98 8.84 39.51
C THR B 136 -5.23 8.11 40.00
N VAL B 137 -5.45 8.16 41.30
CA VAL B 137 -6.61 7.50 41.88
C VAL B 137 -7.42 8.44 42.76
N GLU B 138 -8.71 8.53 42.46
CA GLU B 138 -9.65 9.20 43.33
C GLU B 138 -10.23 8.28 44.45
N PRO B 139 -10.84 8.90 45.49
CA PRO B 139 -11.43 8.23 46.67
C PRO B 139 -12.40 7.08 46.45
N ASP B 140 -13.20 7.15 45.38
CA ASP B 140 -14.05 6.01 44.97
C ASP B 140 -13.26 4.88 44.29
N GLY B 141 -12.01 5.15 43.93
CA GLY B 141 -11.17 4.11 43.34
C GLY B 141 -10.97 4.33 41.86
N LEU B 142 -11.60 5.37 41.32
CA LEU B 142 -11.47 5.72 39.90
C LEU B 142 -10.04 6.04 39.48
N ILE B 143 -9.61 5.42 38.38
CA ILE B 143 -8.23 5.50 37.90
C ILE B 143 -8.12 6.22 36.59
N THR B 144 -7.25 7.22 36.53
CA THR B 144 -6.88 7.75 35.22
C THR B 144 -5.48 7.30 34.86
N VAL B 145 -5.25 7.17 33.55
CA VAL B 145 -3.96 6.73 33.05
C VAL B 145 -3.51 7.63 31.89
N LYS B 146 -2.20 7.80 31.78
CA LYS B 146 -1.57 8.74 30.89
C LYS B 146 -0.11 8.38 30.74
C4 CHT C . 20.72 15.37 13.86
C5 CHT C . 19.81 15.14 15.07
C6 CHT C . 18.88 13.66 16.64
C7 CHT C . 20.73 12.86 15.36
C8 CHT C . 18.54 13.19 14.33
O6 CHT C . 21.19 16.73 13.89
N1 CHT C . 19.52 13.71 15.31
C4 CHT D . 5.85 18.50 -9.37
C5 CHT D . 5.75 17.33 -8.34
C6 CHT D . 5.78 15.71 -10.19
C7 CHT D . 3.72 16.16 -9.05
C8 CHT D . 5.47 15.04 -7.95
O6 CHT D . 7.00 18.36 -10.23
N1 CHT D . 5.18 16.09 -8.90
C4 CHT E . -8.62 2.04 -10.54
C5 CHT E . -7.18 1.93 -10.01
C6 CHT E . -6.48 3.49 -11.82
C7 CHT E . -5.66 1.22 -11.74
C8 CHT E . -5.01 2.79 -10.12
O6 CHT E . -9.42 1.18 -9.71
N1 CHT E . -6.12 2.36 -10.95
C4 CHT F . 18.49 3.10 -3.85
C5 CHT F . 16.95 3.21 -3.80
C6 CHT F . 17.02 1.62 -5.72
C7 CHT F . 16.06 3.86 -5.94
C8 CHT F . 15.00 2.11 -4.57
O6 CHT F . 18.96 3.88 -4.94
N1 CHT F . 16.28 2.71 -5.03
C4 CHT G . 2.13 2.02 -26.31
C5 CHT G . 0.73 2.41 -25.80
C6 CHT G . -0.09 1.93 -28.06
C7 CHT G . -1.56 2.71 -26.24
C8 CHT G . -0.80 0.55 -26.30
O6 CHT G . 2.73 3.20 -26.86
N1 CHT G . -0.39 1.91 -26.63
C4 CHT H . -15.50 -19.42 -15.56
C5 CHT H . -14.01 -19.46 -15.89
C6 CHT H . -14.48 -17.38 -17.19
C7 CHT H . -12.43 -18.59 -17.43
C8 CHT H . -12.94 -17.43 -15.37
O6 CHT H . -15.95 -20.75 -15.32
N1 CHT H . -13.49 -18.21 -16.48
C4 CHT I . -13.56 -9.93 9.16
C5 CHT I . -12.13 -10.54 9.15
C6 CHT I . -12.14 -12.19 10.99
C7 CHT I . -11.93 -9.84 11.47
C8 CHT I . -10.17 -10.97 10.32
O6 CHT I . -14.50 -10.98 8.82
N1 CHT I . -11.62 -10.89 10.49
C4 CHT J . 0.66 4.99 11.28
C5 CHT J . 0.46 3.44 11.26
C6 CHT J . -0.21 3.76 13.65
C7 CHT J . 1.26 1.93 12.94
C8 CHT J . -1.00 1.89 12.39
O6 CHT J . 1.18 5.45 9.99
N1 CHT J . 0.13 2.79 12.58
C4 CHT K . 1.45 -18.82 -1.20
C5 CHT K . 1.37 -17.33 -0.86
C6 CHT K . 3.41 -17.70 0.51
C7 CHT K . 1.22 -17.23 1.52
C8 CHT K . 2.43 -15.52 0.27
O6 CHT K . 0.95 -19.54 -0.07
N1 CHT K . 2.12 -16.97 0.37
C4 CHT L . 6.58 -8.86 23.61
C5 CHT L . 5.54 -7.96 24.33
C6 CHT L . 6.05 -7.40 26.56
C7 CHT L . 5.43 -5.60 25.02
C8 CHT L . 7.58 -6.66 25.01
O6 CHT L . 6.11 -10.23 23.49
N1 CHT L . 6.14 -6.89 25.20
#